data_1LG2
#
_entry.id   1LG2
#
_cell.length_a   45.173
_cell.length_b   47.285
_cell.length_c   84.726
_cell.angle_alpha   90.00
_cell.angle_beta   102.58
_cell.angle_gamma   90.00
#
_symmetry.space_group_name_H-M   'P 1 21 1'
#
loop_
_entity.id
_entity.type
_entity.pdbx_description
1 polymer chitotriosidase
2 non-polymer 1,2-ETHANEDIOL
3 water water
#
_entity_poly.entity_id   1
_entity_poly.type   'polypeptide(L)'
_entity_poly.pdbx_seq_one_letter_code
;AKLVCYFTNWAQYRQGEARFLPKDLDPSLCTHLIYAFAGMTNHQLSTTEWNDETLYQEFNGLKKMNPKLKTLLAIGGWNF
GTQKFTDMVATANNRQTFVNSAIRFLRKYSFDGLDLDWEYPGSQGSPAVDKERFTTLVQDLANAFQQEAQTSGKERLLLS
AAVPAGQTYVDAGYEVDKIAQNLDFVNLMAYDFHGSWEKVTGHNSPLYKRQEESGAAASLNVDAAVQQWLQKGTPASKLI
LGMPTYGRSFTLASSSDTRVGAPATGSGTPGPFTKEGGMLAYYEVCSWKGATKQRIQDQKVPYIFRDNQWVGFDDVESFK
TKVSYLKQKGLGGAMVWALDLDDFAGFSCNQGRYPLIQTLRQELS
;
_entity_poly.pdbx_strand_id   A
#
loop_
_chem_comp.id
_chem_comp.type
_chem_comp.name
_chem_comp.formula
EDO non-polymer 1,2-ETHANEDIOL 'C2 H6 O2'
#
# COMPACT_ATOMS: atom_id res chain seq x y z
N ALA A 1 -7.06 -11.97 -12.31
CA ALA A 1 -6.21 -10.86 -11.79
C ALA A 1 -6.83 -10.28 -10.53
N LYS A 2 -5.98 -9.97 -9.55
CA LYS A 2 -6.45 -9.40 -8.30
C LYS A 2 -6.36 -7.88 -8.34
N LEU A 3 -7.30 -7.24 -7.65
CA LEU A 3 -7.30 -5.79 -7.52
C LEU A 3 -7.45 -5.58 -6.01
N VAL A 4 -6.31 -5.42 -5.36
CA VAL A 4 -6.23 -5.23 -3.92
C VAL A 4 -6.27 -3.74 -3.60
N CYS A 5 -7.27 -3.32 -2.82
CA CYS A 5 -7.39 -1.91 -2.47
C CYS A 5 -7.36 -1.66 -0.98
N TYR A 6 -6.52 -0.71 -0.56
CA TYR A 6 -6.39 -0.36 0.84
C TYR A 6 -7.34 0.76 1.27
N PHE A 7 -7.92 0.56 2.45
CA PHE A 7 -8.85 1.48 3.09
C PHE A 7 -8.07 1.97 4.32
N THR A 8 -8.21 3.23 4.69
CA THR A 8 -7.50 3.74 5.87
C THR A 8 -8.54 4.23 6.88
N ASN A 9 -8.37 3.84 8.14
CA ASN A 9 -9.33 4.23 9.17
C ASN A 9 -9.16 5.62 9.78
N TRP A 10 -8.30 6.44 9.19
CA TRP A 10 -8.14 7.80 9.70
C TRP A 10 -8.67 8.78 8.68
N ALA A 11 -9.01 8.27 7.49
CA ALA A 11 -9.55 9.09 6.42
C ALA A 11 -10.93 9.61 6.84
N GLN A 12 -11.53 8.92 7.81
CA GLN A 12 -12.85 9.30 8.30
C GLN A 12 -12.81 10.66 9.00
N TYR A 13 -11.59 11.16 9.27
CA TYR A 13 -11.42 12.43 9.95
C TYR A 13 -11.10 13.60 9.03
N ARG A 14 -10.96 13.34 7.73
CA ARG A 14 -10.67 14.42 6.79
C ARG A 14 -11.90 15.32 6.66
N GLN A 15 -11.68 16.61 6.42
CA GLN A 15 -12.77 17.57 6.31
C GLN A 15 -13.56 17.53 5.01
N GLY A 16 -14.85 17.89 5.12
CA GLY A 16 -15.74 17.94 3.98
C GLY A 16 -15.83 16.76 3.04
N GLU A 17 -15.76 17.05 1.74
CA GLU A 17 -15.85 16.04 0.69
C GLU A 17 -14.72 15.03 0.73
N ALA A 18 -13.69 15.31 1.53
CA ALA A 18 -12.53 14.42 1.63
C ALA A 18 -12.74 13.32 2.68
N ARG A 19 -13.75 13.48 3.52
CA ARG A 19 -14.03 12.48 4.55
C ARG A 19 -14.36 11.16 3.87
N PHE A 20 -13.77 10.07 4.36
CA PHE A 20 -14.02 8.76 3.78
C PHE A 20 -14.41 7.73 4.82
N LEU A 21 -15.59 7.14 4.63
CA LEU A 21 -16.12 6.11 5.53
C LEU A 21 -16.42 4.86 4.71
N PRO A 22 -16.70 3.73 5.38
CA PRO A 22 -17.01 2.49 4.66
C PRO A 22 -18.12 2.63 3.62
N LYS A 23 -19.08 3.52 3.90
CA LYS A 23 -20.20 3.72 2.98
C LYS A 23 -19.72 4.30 1.66
N ASP A 24 -18.54 4.90 1.67
CA ASP A 24 -17.98 5.49 0.46
C ASP A 24 -17.27 4.47 -0.43
N LEU A 25 -17.28 3.21 -0.02
CA LEU A 25 -16.65 2.16 -0.79
C LEU A 25 -17.56 1.60 -1.86
N ASP A 26 -16.98 1.30 -3.02
CA ASP A 26 -17.72 0.69 -4.13
C ASP A 26 -17.38 -0.78 -3.92
N PRO A 27 -18.29 -1.56 -3.33
CA PRO A 27 -18.05 -2.99 -3.09
C PRO A 27 -17.68 -3.87 -4.27
N SER A 28 -17.97 -3.44 -5.50
CA SER A 28 -17.64 -4.25 -6.66
C SER A 28 -16.41 -3.71 -7.39
N LEU A 29 -15.82 -2.64 -6.87
CA LEU A 29 -14.66 -2.05 -7.48
C LEU A 29 -13.43 -2.94 -7.46
N CYS A 30 -13.10 -3.48 -6.28
CA CYS A 30 -11.92 -4.32 -6.10
C CYS A 30 -12.29 -5.77 -5.76
N THR A 31 -11.33 -6.68 -5.91
CA THR A 31 -11.55 -8.09 -5.58
C THR A 31 -11.19 -8.34 -4.11
N HIS A 32 -10.28 -7.53 -3.59
CA HIS A 32 -9.83 -7.63 -2.20
C HIS A 32 -9.75 -6.26 -1.55
N LEU A 33 -10.28 -6.13 -0.34
CA LEU A 33 -10.22 -4.86 0.38
C LEU A 33 -9.42 -5.08 1.67
N ILE A 34 -8.37 -4.28 1.86
CA ILE A 34 -7.56 -4.41 3.07
C ILE A 34 -7.74 -3.20 3.99
N TYR A 35 -8.08 -3.50 5.24
CA TYR A 35 -8.31 -2.49 6.27
C TYR A 35 -7.03 -2.06 6.99
N ALA A 36 -6.63 -0.82 6.80
CA ALA A 36 -5.42 -0.32 7.45
C ALA A 36 -5.80 0.76 8.47
N PHE A 37 -5.32 0.66 9.71
CA PHE A 37 -4.44 -0.41 10.18
C PHE A 37 -4.89 -0.89 11.55
N ALA A 38 -4.48 -2.10 11.90
CA ALA A 38 -4.77 -2.65 13.22
C ALA A 38 -3.46 -2.47 13.98
N GLY A 39 -3.52 -2.52 15.31
CA GLY A 39 -2.33 -2.36 16.12
C GLY A 39 -1.99 -3.59 16.94
N MET A 40 -1.26 -3.38 18.02
CA MET A 40 -0.85 -4.49 18.89
C MET A 40 -0.74 -4.04 20.35
N THR A 41 -1.29 -4.87 21.23
CA THR A 41 -1.25 -4.60 22.66
C THR A 41 -0.94 -5.92 23.36
N ASN A 42 0.11 -5.91 24.18
CA ASN A 42 0.52 -7.12 24.88
C ASN A 42 0.62 -8.32 23.95
N HIS A 43 1.20 -8.09 22.77
CA HIS A 43 1.41 -9.13 21.76
C HIS A 43 0.12 -9.63 21.12
N GLN A 44 -0.98 -8.89 21.31
CA GLN A 44 -2.26 -9.30 20.74
C GLN A 44 -2.81 -8.27 19.76
N LEU A 45 -3.31 -8.75 18.63
CA LEU A 45 -3.88 -7.88 17.61
C LEU A 45 -4.93 -7.00 18.29
N SER A 46 -4.95 -5.71 17.96
CA SER A 46 -5.91 -4.80 18.55
C SER A 46 -6.25 -3.62 17.62
N THR A 47 -7.37 -2.96 17.92
CA THR A 47 -7.84 -1.82 17.13
C THR A 47 -6.97 -0.58 17.36
N THR A 48 -7.04 0.37 16.43
CA THR A 48 -6.25 1.60 16.56
C THR A 48 -7.14 2.84 16.65
N GLU A 49 -8.38 2.73 16.19
CA GLU A 49 -9.32 3.85 16.26
C GLU A 49 -10.50 3.47 17.17
N TRP A 50 -11.05 4.45 17.88
CA TRP A 50 -12.15 4.20 18.82
C TRP A 50 -13.37 3.48 18.24
N ASN A 51 -13.70 3.75 16.97
CA ASN A 51 -14.87 3.15 16.34
C ASN A 51 -14.56 2.04 15.35
N ASP A 52 -13.36 1.48 15.41
CA ASP A 52 -12.99 0.40 14.49
C ASP A 52 -13.97 -0.78 14.49
N GLU A 53 -14.40 -1.21 15.67
CA GLU A 53 -15.33 -2.34 15.76
C GLU A 53 -16.60 -2.13 14.94
N THR A 54 -17.06 -0.88 14.85
CA THR A 54 -18.26 -0.56 14.08
C THR A 54 -17.86 -0.52 12.60
N LEU A 55 -16.72 0.09 12.32
CA LEU A 55 -16.25 0.18 10.95
C LEU A 55 -15.97 -1.21 10.39
N TYR A 56 -15.45 -2.10 11.24
CA TYR A 56 -15.17 -3.47 10.82
C TYR A 56 -16.45 -4.11 10.28
N GLN A 57 -17.54 -3.98 11.03
CA GLN A 57 -18.84 -4.55 10.66
C GLN A 57 -19.37 -3.99 9.33
N GLU A 58 -19.25 -2.68 9.15
CA GLU A 58 -19.71 -2.04 7.91
C GLU A 58 -18.80 -2.46 6.76
N PHE A 59 -17.51 -2.54 7.05
CA PHE A 59 -16.49 -2.92 6.07
C PHE A 59 -16.77 -4.33 5.54
N ASN A 60 -16.70 -5.31 6.45
CA ASN A 60 -16.92 -6.70 6.09
C ASN A 60 -18.37 -7.01 5.72
N GLY A 61 -19.30 -6.17 6.19
CA GLY A 61 -20.70 -6.38 5.86
C GLY A 61 -20.94 -6.25 4.36
N LEU A 62 -20.05 -5.53 3.68
CA LEU A 62 -20.16 -5.33 2.24
C LEU A 62 -20.15 -6.66 1.49
N LYS A 63 -19.62 -7.70 2.12
CA LYS A 63 -19.57 -9.00 1.46
C LYS A 63 -20.97 -9.59 1.29
N LYS A 64 -21.94 -9.05 2.00
CA LYS A 64 -23.31 -9.52 1.89
C LYS A 64 -23.85 -9.04 0.54
N MET A 65 -23.31 -7.92 0.09
CA MET A 65 -23.70 -7.34 -1.19
C MET A 65 -22.90 -7.97 -2.32
N ASN A 66 -21.69 -8.43 -2.02
CA ASN A 66 -20.82 -9.06 -3.00
C ASN A 66 -20.10 -10.25 -2.38
N PRO A 67 -20.69 -11.46 -2.51
CA PRO A 67 -20.14 -12.71 -1.97
C PRO A 67 -18.75 -13.11 -2.44
N LYS A 68 -18.31 -12.58 -3.58
CA LYS A 68 -16.98 -12.90 -4.09
C LYS A 68 -15.91 -12.06 -3.40
N LEU A 69 -16.29 -10.87 -2.95
CA LEU A 69 -15.37 -9.95 -2.28
C LEU A 69 -14.66 -10.59 -1.09
N LYS A 70 -13.37 -10.29 -0.97
CA LYS A 70 -12.55 -10.79 0.14
C LYS A 70 -11.99 -9.57 0.86
N THR A 71 -11.87 -9.66 2.18
CA THR A 71 -11.33 -8.56 2.97
C THR A 71 -10.21 -9.03 3.89
N LEU A 72 -9.27 -8.16 4.19
CA LEU A 72 -8.19 -8.50 5.10
C LEU A 72 -7.93 -7.33 6.02
N LEU A 73 -7.37 -7.62 7.18
CA LEU A 73 -7.03 -6.61 8.16
C LEU A 73 -5.51 -6.45 8.13
N ALA A 74 -5.04 -5.23 7.90
CA ALA A 74 -3.60 -4.98 7.84
C ALA A 74 -3.07 -4.53 9.20
N ILE A 75 -1.98 -5.14 9.65
CA ILE A 75 -1.40 -4.74 10.92
C ILE A 75 -0.06 -4.05 10.69
N GLY A 76 0.10 -2.88 11.31
CA GLY A 76 1.35 -2.15 11.18
C GLY A 76 1.24 -0.75 10.60
N GLY A 77 2.00 -0.51 9.54
CA GLY A 77 2.00 0.80 8.93
C GLY A 77 3.26 1.54 9.35
N TRP A 78 3.57 2.63 8.65
CA TRP A 78 4.77 3.40 8.94
C TRP A 78 4.81 3.96 10.36
N ASN A 79 3.78 4.70 10.74
CA ASN A 79 3.69 5.30 12.07
C ASN A 79 3.75 4.32 13.22
N PHE A 80 3.34 3.09 12.95
CA PHE A 80 3.33 2.04 13.98
C PHE A 80 4.73 1.70 14.49
N GLY A 81 5.74 1.85 13.63
CA GLY A 81 7.10 1.53 14.07
C GLY A 81 7.39 0.04 14.01
N THR A 82 8.48 -0.36 14.67
CA THR A 82 8.91 -1.76 14.65
C THR A 82 9.07 -2.41 16.03
N GLN A 83 9.18 -1.58 17.06
CA GLN A 83 9.39 -2.10 18.42
C GLN A 83 8.44 -3.21 18.84
N LYS A 84 7.15 -3.03 18.62
CA LYS A 84 6.17 -4.04 19.01
C LYS A 84 6.30 -5.33 18.22
N PHE A 85 6.69 -5.22 16.95
CA PHE A 85 6.86 -6.41 16.14
C PHE A 85 8.07 -7.19 16.64
N THR A 86 9.16 -6.47 16.89
CA THR A 86 10.41 -7.06 17.37
C THR A 86 10.20 -7.84 18.69
N ASP A 87 9.55 -7.21 19.65
CA ASP A 87 9.30 -7.86 20.93
C ASP A 87 8.35 -9.06 20.79
N MET A 88 7.39 -8.95 19.87
CA MET A 88 6.44 -10.04 19.67
C MET A 88 7.08 -11.28 19.02
N VAL A 89 7.96 -11.08 18.05
CA VAL A 89 8.61 -12.21 17.40
C VAL A 89 9.85 -12.71 18.17
N ALA A 90 10.21 -12.02 19.24
CA ALA A 90 11.38 -12.40 20.03
C ALA A 90 11.33 -13.81 20.63
N THR A 91 10.14 -14.30 20.99
CA THR A 91 10.03 -15.65 21.55
C THR A 91 8.88 -16.44 20.95
N ALA A 92 8.97 -17.76 21.07
CA ALA A 92 7.94 -18.64 20.53
C ALA A 92 6.63 -18.40 21.26
N ASN A 93 6.70 -18.12 22.55
CA ASN A 93 5.50 -17.87 23.35
C ASN A 93 4.76 -16.63 22.89
N ASN A 94 5.50 -15.54 22.65
CA ASN A 94 4.89 -14.30 22.22
C ASN A 94 4.24 -14.46 20.85
N ARG A 95 4.93 -15.13 19.94
CA ARG A 95 4.37 -15.35 18.61
C ARG A 95 3.06 -16.13 18.70
N GLN A 96 3.05 -17.17 19.53
CA GLN A 96 1.85 -18.00 19.69
C GLN A 96 0.71 -17.14 20.25
N THR A 97 1.04 -16.23 21.17
CA THR A 97 0.06 -15.34 21.77
C THR A 97 -0.55 -14.48 20.64
N PHE A 98 0.31 -13.98 19.76
CA PHE A 98 -0.11 -13.15 18.65
C PHE A 98 -0.93 -13.89 17.61
N VAL A 99 -0.43 -15.04 17.18
CA VAL A 99 -1.13 -15.85 16.19
C VAL A 99 -2.53 -16.21 16.65
N ASN A 100 -2.66 -16.63 17.91
CA ASN A 100 -3.98 -16.98 18.42
C ASN A 100 -4.92 -15.79 18.47
N SER A 101 -4.38 -14.62 18.81
CA SER A 101 -5.20 -13.42 18.89
C SER A 101 -5.63 -12.98 17.50
N ALA A 102 -4.77 -13.22 16.50
CA ALA A 102 -5.08 -12.84 15.13
C ALA A 102 -6.25 -13.64 14.59
N ILE A 103 -6.20 -14.97 14.74
CA ILE A 103 -7.27 -15.80 14.25
C ILE A 103 -8.61 -15.44 14.90
N ARG A 104 -8.63 -15.34 16.23
CA ARG A 104 -9.87 -14.99 16.92
C ARG A 104 -10.39 -13.65 16.45
N PHE A 105 -9.48 -12.68 16.35
CA PHE A 105 -9.80 -11.31 15.93
C PHE A 105 -10.39 -11.30 14.53
N LEU A 106 -9.75 -12.02 13.61
CA LEU A 106 -10.22 -12.07 12.24
C LEU A 106 -11.57 -12.79 12.11
N ARG A 107 -11.72 -13.89 12.83
CA ARG A 107 -12.97 -14.64 12.78
C ARG A 107 -14.11 -13.85 13.41
N LYS A 108 -13.84 -13.26 14.57
CA LYS A 108 -14.84 -12.48 15.29
C LYS A 108 -15.39 -11.32 14.45
N TYR A 109 -14.51 -10.58 13.80
CA TYR A 109 -14.97 -9.43 13.03
C TYR A 109 -15.25 -9.71 11.55
N SER A 110 -15.16 -10.97 11.16
CA SER A 110 -15.45 -11.40 9.79
C SER A 110 -14.46 -10.99 8.70
N PHE A 111 -13.16 -11.02 9.02
CA PHE A 111 -12.13 -10.71 8.06
C PHE A 111 -11.71 -12.04 7.41
N ASP A 112 -11.37 -12.02 6.13
CA ASP A 112 -10.95 -13.25 5.44
C ASP A 112 -9.46 -13.53 5.56
N GLY A 113 -8.71 -12.58 6.12
CA GLY A 113 -7.28 -12.81 6.24
C GLY A 113 -6.53 -11.68 6.90
N LEU A 114 -5.21 -11.87 7.03
CA LEU A 114 -4.34 -10.88 7.65
C LEU A 114 -3.28 -10.38 6.68
N ASP A 115 -3.07 -9.07 6.64
CA ASP A 115 -2.05 -8.47 5.78
C ASP A 115 -0.96 -7.91 6.71
N LEU A 116 0.24 -8.45 6.60
CA LEU A 116 1.37 -8.01 7.44
C LEU A 116 2.02 -6.74 6.88
N ASP A 117 2.01 -5.66 7.66
CA ASP A 117 2.61 -4.42 7.22
C ASP A 117 3.66 -3.90 8.20
N TRP A 118 4.61 -4.78 8.52
CA TRP A 118 5.71 -4.43 9.41
C TRP A 118 6.64 -3.59 8.55
N GLU A 119 6.91 -2.36 8.99
CA GLU A 119 7.80 -1.49 8.22
C GLU A 119 8.99 -0.99 9.02
N TYR A 120 10.11 -1.73 8.99
CA TYR A 120 10.25 -2.98 8.25
C TYR A 120 11.15 -3.91 9.07
N PRO A 121 11.08 -5.22 8.82
CA PRO A 121 11.95 -6.12 9.60
C PRO A 121 13.38 -5.77 9.19
N GLY A 122 14.28 -5.64 10.16
CA GLY A 122 15.66 -5.34 9.83
C GLY A 122 15.96 -3.88 9.53
N SER A 123 14.97 -3.00 9.67
CA SER A 123 15.17 -1.58 9.41
C SER A 123 14.30 -0.75 10.36
N GLN A 124 14.45 0.57 10.31
CA GLN A 124 13.70 1.48 11.18
C GLN A 124 13.88 1.16 12.65
N GLY A 125 15.07 0.69 13.02
CA GLY A 125 15.34 0.36 14.41
C GLY A 125 15.25 -1.13 14.68
N SER A 126 14.69 -1.87 13.73
CA SER A 126 14.55 -3.31 13.87
C SER A 126 15.90 -3.99 13.61
N PRO A 127 16.37 -4.82 14.55
CA PRO A 127 17.67 -5.51 14.41
C PRO A 127 17.71 -6.59 13.31
N ALA A 128 18.94 -6.96 12.94
CA ALA A 128 19.17 -7.96 11.90
C ALA A 128 18.47 -9.30 12.13
N VAL A 129 18.42 -9.77 13.38
CA VAL A 129 17.78 -11.05 13.67
C VAL A 129 16.30 -11.05 13.28
N ASP A 130 15.70 -9.88 13.12
CA ASP A 130 14.29 -9.81 12.75
C ASP A 130 14.03 -10.30 11.32
N LYS A 131 15.07 -10.34 10.49
CA LYS A 131 14.89 -10.82 9.12
C LYS A 131 14.40 -12.27 9.17
N GLU A 132 15.10 -13.11 9.94
CA GLU A 132 14.72 -14.50 10.07
C GLU A 132 13.52 -14.70 10.99
N ARG A 133 13.36 -13.82 11.98
CA ARG A 133 12.23 -13.95 12.88
C ARG A 133 10.95 -13.59 12.14
N PHE A 134 11.07 -12.78 11.09
CA PHE A 134 9.91 -12.40 10.29
C PHE A 134 9.50 -13.62 9.47
N THR A 135 10.49 -14.36 8.97
CA THR A 135 10.22 -15.55 8.19
C THR A 135 9.48 -16.56 9.06
N THR A 136 9.89 -16.67 10.31
CA THR A 136 9.27 -17.60 11.22
C THR A 136 7.86 -17.16 11.56
N LEU A 137 7.66 -15.85 11.70
CA LEU A 137 6.34 -15.31 11.98
C LEU A 137 5.39 -15.71 10.86
N VAL A 138 5.85 -15.54 9.62
CA VAL A 138 5.05 -15.89 8.46
C VAL A 138 4.70 -17.37 8.42
N GLN A 139 5.66 -18.23 8.76
CA GLN A 139 5.42 -19.66 8.79
C GLN A 139 4.48 -20.04 9.93
N ASP A 140 4.65 -19.39 11.09
CA ASP A 140 3.77 -19.67 12.22
C ASP A 140 2.33 -19.34 11.83
N LEU A 141 2.13 -18.18 11.22
CA LEU A 141 0.80 -17.77 10.82
C LEU A 141 0.22 -18.72 9.79
N ALA A 142 1.04 -19.06 8.80
CA ALA A 142 0.63 -19.97 7.74
C ALA A 142 0.25 -21.33 8.31
N ASN A 143 1.10 -21.87 9.18
CA ASN A 143 0.82 -23.18 9.80
C ASN A 143 -0.46 -23.10 10.65
N ALA A 144 -0.61 -22.01 11.39
CA ALA A 144 -1.78 -21.84 12.25
C ALA A 144 -3.07 -21.71 11.44
N PHE A 145 -3.03 -20.92 10.37
CA PHE A 145 -4.21 -20.75 9.53
C PHE A 145 -4.61 -22.09 8.91
N GLN A 146 -3.62 -22.79 8.36
CA GLN A 146 -3.83 -24.09 7.75
C GLN A 146 -4.45 -25.07 8.74
N GLN A 147 -3.98 -25.02 9.98
CA GLN A 147 -4.49 -25.91 11.02
C GLN A 147 -5.91 -25.54 11.41
N GLU A 148 -6.16 -24.25 11.62
CA GLU A 148 -7.48 -23.79 12.01
C GLU A 148 -8.51 -24.14 10.94
N ALA A 149 -8.10 -24.08 9.67
CA ALA A 149 -8.99 -24.42 8.56
C ALA A 149 -9.33 -25.91 8.62
N GLN A 150 -8.36 -26.72 9.00
CA GLN A 150 -8.57 -28.16 9.07
C GLN A 150 -9.45 -28.57 10.23
N THR A 151 -9.26 -27.93 11.38
CA THR A 151 -10.05 -28.25 12.57
C THR A 151 -11.43 -27.60 12.58
N SER A 152 -11.57 -26.47 11.90
CA SER A 152 -12.85 -25.77 11.89
C SER A 152 -13.72 -26.10 10.69
N GLY A 153 -13.08 -26.50 9.59
CA GLY A 153 -13.83 -26.81 8.39
C GLY A 153 -14.11 -25.52 7.63
N LYS A 154 -13.61 -24.41 8.16
CA LYS A 154 -13.78 -23.09 7.55
C LYS A 154 -12.74 -22.87 6.45
N GLU A 155 -13.01 -21.97 5.51
CA GLU A 155 -12.03 -21.68 4.47
C GLU A 155 -10.82 -21.11 5.19
N ARG A 156 -9.63 -21.49 4.73
CA ARG A 156 -8.42 -21.01 5.36
C ARG A 156 -8.29 -19.49 5.29
N LEU A 157 -7.85 -18.88 6.38
CA LEU A 157 -7.65 -17.44 6.39
C LEU A 157 -6.49 -17.16 5.44
N LEU A 158 -6.58 -16.04 4.74
CA LEU A 158 -5.54 -15.64 3.80
C LEU A 158 -4.42 -14.94 4.57
N LEU A 159 -3.23 -14.95 4.01
CA LEU A 159 -2.09 -14.29 4.64
C LEU A 159 -1.29 -13.57 3.55
N SER A 160 -1.18 -12.26 3.68
CA SER A 160 -0.44 -11.48 2.71
C SER A 160 0.49 -10.54 3.46
N ALA A 161 1.36 -9.88 2.72
CA ALA A 161 2.30 -8.95 3.31
C ALA A 161 2.57 -7.82 2.35
N ALA A 162 2.67 -6.61 2.90
CA ALA A 162 2.96 -5.43 2.10
C ALA A 162 4.48 -5.29 2.24
N VAL A 163 5.16 -5.30 1.11
CA VAL A 163 6.63 -5.23 1.12
C VAL A 163 7.21 -4.06 0.34
N PRO A 164 8.41 -3.61 0.74
CA PRO A 164 9.14 -2.50 0.12
C PRO A 164 9.80 -2.82 -1.22
N ALA A 165 10.02 -1.79 -2.02
CA ALA A 165 10.64 -1.92 -3.33
C ALA A 165 12.14 -1.67 -3.27
N GLY A 166 12.58 -0.93 -2.26
CA GLY A 166 13.99 -0.61 -2.11
C GLY A 166 14.89 -1.80 -1.79
N GLN A 167 15.91 -1.99 -2.61
CA GLN A 167 16.88 -3.08 -2.45
C GLN A 167 17.41 -3.20 -1.02
N THR A 168 17.75 -2.06 -0.42
CA THR A 168 18.28 -2.06 0.94
C THR A 168 17.29 -2.64 1.94
N TYR A 169 16.02 -2.25 1.83
CA TYR A 169 15.00 -2.78 2.73
C TYR A 169 14.80 -4.27 2.48
N VAL A 170 14.61 -4.63 1.22
CA VAL A 170 14.40 -6.03 0.84
C VAL A 170 15.50 -6.97 1.36
N ASP A 171 16.76 -6.56 1.20
CA ASP A 171 17.89 -7.38 1.65
C ASP A 171 18.06 -7.41 3.17
N ALA A 172 17.69 -6.31 3.83
CA ALA A 172 17.84 -6.23 5.28
C ALA A 172 16.82 -7.04 6.09
N GLY A 173 15.65 -7.33 5.53
CA GLY A 173 14.69 -8.08 6.31
C GLY A 173 13.83 -9.13 5.64
N TYR A 174 14.08 -9.45 4.38
CA TYR A 174 13.23 -10.42 3.70
C TYR A 174 13.89 -11.62 3.03
N GLU A 175 13.58 -12.81 3.55
CA GLU A 175 14.07 -14.04 2.95
C GLU A 175 12.95 -14.36 1.96
N VAL A 176 12.95 -13.61 0.85
CA VAL A 176 11.95 -13.70 -0.19
C VAL A 176 11.51 -15.11 -0.61
N ASP A 177 12.46 -15.96 -0.97
CA ASP A 177 12.13 -17.32 -1.42
C ASP A 177 11.37 -18.13 -0.38
N LYS A 178 11.64 -17.88 0.90
CA LYS A 178 10.97 -18.61 1.96
C LYS A 178 9.58 -18.08 2.28
N ILE A 179 9.47 -16.78 2.56
CA ILE A 179 8.17 -16.20 2.89
C ILE A 179 7.17 -16.29 1.73
N ALA A 180 7.68 -16.22 0.50
CA ALA A 180 6.84 -16.28 -0.68
C ALA A 180 6.04 -17.59 -0.74
N GLN A 181 6.59 -18.66 -0.16
CA GLN A 181 5.92 -19.95 -0.16
C GLN A 181 4.72 -19.98 0.79
N ASN A 182 4.84 -19.27 1.91
CA ASN A 182 3.78 -19.22 2.92
C ASN A 182 2.75 -18.10 2.75
N LEU A 183 3.02 -17.14 1.87
CA LEU A 183 2.11 -16.03 1.63
C LEU A 183 1.19 -16.32 0.43
N ASP A 184 -0.08 -15.96 0.56
CA ASP A 184 -1.03 -16.16 -0.54
C ASP A 184 -0.72 -15.16 -1.64
N PHE A 185 -0.34 -13.95 -1.22
CA PHE A 185 0.06 -12.92 -2.17
C PHE A 185 0.91 -11.86 -1.52
N VAL A 186 1.69 -11.18 -2.35
CA VAL A 186 2.62 -10.15 -1.90
C VAL A 186 2.25 -8.79 -2.49
N ASN A 187 1.97 -7.83 -1.60
CA ASN A 187 1.61 -6.48 -2.03
C ASN A 187 2.84 -5.61 -2.12
N LEU A 188 3.39 -5.53 -3.33
CA LEU A 188 4.59 -4.75 -3.56
C LEU A 188 4.32 -3.25 -3.52
N MET A 189 4.99 -2.56 -2.61
CA MET A 189 4.83 -1.12 -2.48
C MET A 189 5.70 -0.47 -3.54
N ALA A 190 5.22 -0.49 -4.79
CA ALA A 190 5.96 0.07 -5.91
C ALA A 190 5.76 1.58 -6.01
N TYR A 191 6.18 2.27 -4.96
CA TYR A 191 6.08 3.72 -4.86
C TYR A 191 6.99 4.23 -3.76
N ASP A 192 6.95 5.53 -3.49
CA ASP A 192 7.83 6.15 -2.50
C ASP A 192 9.29 5.92 -2.93
N PHE A 193 9.50 5.79 -4.23
CA PHE A 193 10.84 5.60 -4.78
C PHE A 193 11.64 6.88 -4.57
N HIS A 194 10.93 8.00 -4.60
CA HIS A 194 11.53 9.33 -4.42
C HIS A 194 10.58 10.20 -3.60
N GLY A 195 11.14 11.10 -2.81
CA GLY A 195 10.33 11.98 -1.99
C GLY A 195 11.18 13.12 -1.46
N SER A 196 10.54 14.03 -0.73
CA SER A 196 11.20 15.20 -0.19
C SER A 196 12.32 14.91 0.82
N TRP A 197 12.66 13.64 1.00
CA TRP A 197 13.74 13.31 1.91
C TRP A 197 15.03 13.40 1.09
N GLU A 198 14.88 13.71 -0.20
CA GLU A 198 16.00 13.88 -1.10
C GLU A 198 16.07 15.36 -1.48
N LYS A 199 17.28 15.88 -1.61
CA LYS A 199 17.46 17.30 -1.95
C LYS A 199 17.28 17.58 -3.42
N VAL A 200 16.79 16.58 -4.15
CA VAL A 200 16.55 16.71 -5.57
C VAL A 200 15.14 16.21 -5.86
N THR A 201 14.49 16.80 -6.85
CA THR A 201 13.15 16.39 -7.19
C THR A 201 13.21 15.03 -7.90
N GLY A 202 12.21 14.18 -7.64
CA GLY A 202 12.16 12.88 -8.25
C GLY A 202 10.74 12.34 -8.18
N HIS A 203 10.39 11.43 -9.08
CA HIS A 203 9.04 10.90 -9.12
C HIS A 203 8.76 9.80 -8.09
N ASN A 204 7.57 9.88 -7.49
CA ASN A 204 7.12 8.93 -6.48
C ASN A 204 7.11 7.48 -6.97
N SER A 205 6.60 7.26 -8.17
CA SER A 205 6.50 5.91 -8.71
C SER A 205 6.78 5.81 -10.20
N PRO A 206 8.06 5.98 -10.60
CA PRO A 206 8.38 5.88 -12.03
C PRO A 206 8.40 4.41 -12.46
N LEU A 207 8.01 4.13 -13.70
CA LEU A 207 8.00 2.75 -14.19
C LEU A 207 9.42 2.28 -14.52
N TYR A 208 10.16 3.10 -15.25
CA TYR A 208 11.53 2.78 -15.63
C TYR A 208 12.46 3.88 -15.16
N LYS A 209 13.76 3.59 -15.17
CA LYS A 209 14.74 4.58 -14.76
C LYS A 209 14.81 5.66 -15.84
N ARG A 210 15.45 6.78 -15.52
CA ARG A 210 15.59 7.87 -16.48
C ARG A 210 16.72 7.57 -17.44
N ALA A 217 20.54 4.10 -7.79
CA ALA A 217 19.69 5.09 -8.40
C ALA A 217 18.91 4.52 -9.58
N ALA A 218 19.50 3.55 -10.28
CA ALA A 218 18.85 2.93 -11.41
C ALA A 218 17.89 1.82 -11.00
N SER A 219 17.83 1.54 -9.71
CA SER A 219 16.95 0.50 -9.20
C SER A 219 15.71 1.13 -8.57
N LEU A 220 15.69 2.46 -8.53
CA LEU A 220 14.56 3.19 -7.96
C LEU A 220 13.43 3.40 -8.94
N ASN A 221 12.83 2.29 -9.38
CA ASN A 221 11.71 2.33 -10.30
C ASN A 221 10.89 1.04 -10.18
N VAL A 222 9.66 1.06 -10.67
CA VAL A 222 8.79 -0.10 -10.59
C VAL A 222 9.39 -1.34 -11.22
N ASP A 223 9.88 -1.20 -12.46
CA ASP A 223 10.48 -2.32 -13.17
C ASP A 223 11.56 -3.01 -12.35
N ALA A 224 12.53 -2.25 -11.87
CA ALA A 224 13.62 -2.83 -11.08
C ALA A 224 13.09 -3.54 -9.83
N ALA A 225 12.09 -2.94 -9.19
CA ALA A 225 11.52 -3.55 -7.98
C ALA A 225 10.84 -4.88 -8.33
N VAL A 226 10.09 -4.89 -9.42
CA VAL A 226 9.39 -6.10 -9.84
C VAL A 226 10.40 -7.22 -10.16
N GLN A 227 11.40 -6.90 -10.96
CA GLN A 227 12.41 -7.88 -11.33
C GLN A 227 13.13 -8.42 -10.10
N GLN A 228 13.31 -7.57 -9.09
CA GLN A 228 13.98 -7.97 -7.87
C GLN A 228 13.20 -9.01 -7.07
N TRP A 229 11.91 -8.75 -6.83
CA TRP A 229 11.08 -9.69 -6.08
C TRP A 229 10.86 -10.99 -6.82
N LEU A 230 10.82 -10.93 -8.14
CA LEU A 230 10.65 -12.14 -8.96
C LEU A 230 11.92 -12.96 -8.93
N GLN A 231 13.05 -12.27 -9.13
CA GLN A 231 14.35 -12.93 -9.14
C GLN A 231 14.70 -13.54 -7.79
N LYS A 232 14.20 -12.93 -6.71
CA LYS A 232 14.50 -13.46 -5.39
C LYS A 232 13.61 -14.62 -4.97
N GLY A 233 12.70 -15.04 -5.85
CA GLY A 233 11.85 -16.18 -5.52
C GLY A 233 10.35 -16.00 -5.42
N THR A 234 9.85 -14.81 -5.75
CA THR A 234 8.41 -14.59 -5.67
C THR A 234 7.67 -15.08 -6.92
N PRO A 235 6.75 -16.04 -6.77
CA PRO A 235 6.04 -16.53 -7.94
C PRO A 235 5.26 -15.36 -8.54
N ALA A 236 5.32 -15.21 -9.86
CA ALA A 236 4.65 -14.10 -10.53
C ALA A 236 3.20 -13.90 -10.10
N SER A 237 2.41 -14.97 -10.07
CA SER A 237 1.00 -14.88 -9.71
C SER A 237 0.76 -14.36 -8.30
N LYS A 238 1.79 -14.33 -7.46
CA LYS A 238 1.61 -13.85 -6.10
C LYS A 238 2.12 -12.42 -5.91
N LEU A 239 2.78 -11.89 -6.93
CA LEU A 239 3.30 -10.53 -6.83
C LEU A 239 2.26 -9.54 -7.33
N ILE A 240 1.67 -8.79 -6.41
CA ILE A 240 0.64 -7.80 -6.75
C ILE A 240 1.31 -6.43 -6.80
N LEU A 241 1.32 -5.82 -7.99
CA LEU A 241 1.95 -4.53 -8.18
C LEU A 241 1.20 -3.34 -7.61
N GLY A 242 1.79 -2.71 -6.59
CA GLY A 242 1.17 -1.54 -5.97
C GLY A 242 1.10 -0.34 -6.89
N MET A 243 0.04 0.44 -6.74
CA MET A 243 -0.21 1.64 -7.55
C MET A 243 -0.58 2.77 -6.61
N PRO A 244 0.05 3.96 -6.75
CA PRO A 244 -0.27 5.07 -5.86
C PRO A 244 -1.29 6.08 -6.39
N THR A 245 -2.34 6.33 -5.60
CA THR A 245 -3.36 7.32 -5.97
C THR A 245 -3.03 8.63 -5.26
N TYR A 246 -1.74 8.86 -5.04
CA TYR A 246 -1.26 10.08 -4.38
C TYR A 246 0.09 10.43 -5.00
N GLY A 247 0.55 11.66 -4.78
CA GLY A 247 1.81 12.07 -5.31
C GLY A 247 2.77 12.52 -4.22
N ARG A 248 4.03 12.69 -4.60
CA ARG A 248 5.09 13.15 -3.70
C ARG A 248 5.42 14.57 -4.17
N SER A 249 5.40 15.51 -3.23
CA SER A 249 5.65 16.90 -3.55
C SER A 249 6.98 17.43 -3.05
N PHE A 250 7.43 18.51 -3.68
CA PHE A 250 8.68 19.17 -3.30
C PHE A 250 8.48 20.67 -3.44
N THR A 251 9.36 21.42 -2.77
CA THR A 251 9.38 22.86 -2.90
C THR A 251 10.69 23.03 -3.64
N LEU A 252 10.66 23.74 -4.76
CA LEU A 252 11.84 23.93 -5.59
C LEU A 252 12.84 24.97 -5.09
N ALA A 253 14.12 24.73 -5.34
CA ALA A 253 15.16 25.67 -4.94
C ALA A 253 15.00 26.94 -5.77
N SER A 254 14.31 26.80 -6.89
CA SER A 254 14.06 27.93 -7.77
C SER A 254 12.97 27.60 -8.77
N SER A 255 12.00 28.51 -8.90
CA SER A 255 10.90 28.34 -9.83
C SER A 255 11.45 28.25 -11.25
N SER A 256 12.72 28.63 -11.40
CA SER A 256 13.40 28.64 -12.69
C SER A 256 13.83 27.26 -13.20
N ASP A 257 13.87 26.28 -12.32
CA ASP A 257 14.25 24.92 -12.73
C ASP A 257 13.19 23.96 -12.19
N THR A 258 12.32 23.51 -13.08
CA THR A 258 11.21 22.62 -12.70
C THR A 258 11.36 21.20 -13.25
N ARG A 259 12.54 20.88 -13.77
CA ARG A 259 12.78 19.55 -14.33
C ARG A 259 12.90 18.46 -13.28
N VAL A 260 12.85 17.20 -13.74
CA VAL A 260 13.01 16.08 -12.84
C VAL A 260 14.48 16.15 -12.46
N GLY A 261 14.78 16.01 -11.17
CA GLY A 261 16.16 16.10 -10.74
C GLY A 261 16.58 17.51 -10.38
N ALA A 262 15.65 18.46 -10.45
CA ALA A 262 15.97 19.84 -10.10
C ALA A 262 16.15 19.96 -8.59
N PRO A 263 17.05 20.85 -8.14
CA PRO A 263 17.29 21.01 -6.70
C PRO A 263 16.00 21.31 -5.95
N ALA A 264 15.86 20.73 -4.76
CA ALA A 264 14.68 20.94 -3.94
C ALA A 264 15.09 21.40 -2.54
N THR A 265 14.21 22.14 -1.88
CA THR A 265 14.49 22.64 -0.54
C THR A 265 13.78 21.85 0.54
N GLY A 266 12.88 20.97 0.12
CA GLY A 266 12.14 20.18 1.07
C GLY A 266 10.80 19.73 0.52
N SER A 267 9.91 19.35 1.43
CA SER A 267 8.59 18.88 1.01
C SER A 267 7.75 20.01 0.44
N GLY A 268 6.75 19.64 -0.36
CA GLY A 268 5.86 20.64 -0.93
C GLY A 268 4.82 21.06 0.09
N THR A 269 4.13 22.16 -0.19
CA THR A 269 3.09 22.66 0.70
C THR A 269 2.03 21.59 0.95
N PRO A 270 1.62 21.41 2.21
CA PRO A 270 0.60 20.38 2.49
C PRO A 270 -0.70 20.64 1.73
N GLY A 271 -1.38 19.57 1.34
CA GLY A 271 -2.64 19.70 0.63
C GLY A 271 -3.74 20.21 1.54
N PRO A 272 -4.77 20.88 0.99
CA PRO A 272 -5.89 21.41 1.77
C PRO A 272 -6.64 20.37 2.60
N PHE A 273 -6.74 19.15 2.09
CA PHE A 273 -7.45 18.09 2.80
C PHE A 273 -6.59 17.01 3.44
N THR A 274 -5.50 16.62 2.79
CA THR A 274 -4.64 15.58 3.35
C THR A 274 -3.71 16.17 4.42
N LYS A 275 -3.48 17.47 4.32
CA LYS A 275 -2.68 18.19 5.32
C LYS A 275 -1.39 17.49 5.76
N GLU A 276 -0.55 17.09 4.81
CA GLU A 276 0.71 16.43 5.14
C GLU A 276 1.75 16.80 4.09
N GLY A 277 2.64 17.72 4.45
CA GLY A 277 3.67 18.13 3.51
C GLY A 277 4.48 16.98 2.95
N GLY A 278 4.72 17.01 1.64
CA GLY A 278 5.49 15.96 1.00
C GLY A 278 4.62 15.00 0.21
N MET A 279 3.31 15.08 0.43
CA MET A 279 2.36 14.23 -0.26
C MET A 279 1.09 14.99 -0.66
N LEU A 280 0.37 14.47 -1.65
CA LEU A 280 -0.88 15.07 -2.13
C LEU A 280 -1.75 13.96 -2.69
N ALA A 281 -3.04 14.01 -2.38
CA ALA A 281 -3.96 13.02 -2.90
C ALA A 281 -4.16 13.32 -4.38
N TYR A 282 -4.62 12.34 -5.13
CA TYR A 282 -4.86 12.56 -6.55
C TYR A 282 -5.88 13.67 -6.77
N TYR A 283 -6.93 13.70 -5.95
CA TYR A 283 -7.96 14.72 -6.12
C TYR A 283 -7.47 16.13 -5.78
N GLU A 284 -6.41 16.23 -5.00
CA GLU A 284 -5.85 17.54 -4.65
C GLU A 284 -4.96 18.03 -5.79
N VAL A 285 -4.38 17.08 -6.51
CA VAL A 285 -3.51 17.40 -7.63
C VAL A 285 -4.32 17.84 -8.85
N CYS A 286 -5.38 17.10 -9.17
CA CYS A 286 -6.20 17.44 -10.32
C CYS A 286 -6.96 18.73 -10.01
N SER A 287 -6.74 19.24 -8.80
CA SER A 287 -7.41 20.47 -8.35
C SER A 287 -6.49 21.69 -8.46
N TRP A 288 -5.21 21.46 -8.77
CA TRP A 288 -4.23 22.52 -8.93
C TRP A 288 -4.60 23.48 -10.06
N LYS A 289 -4.75 24.75 -9.74
CA LYS A 289 -5.08 25.73 -10.76
C LYS A 289 -3.87 26.54 -11.18
N GLY A 290 -3.71 26.73 -12.49
CA GLY A 290 -2.59 27.50 -12.99
C GLY A 290 -1.28 26.76 -12.97
N ALA A 291 -1.36 25.43 -12.85
CA ALA A 291 -0.17 24.58 -12.82
C ALA A 291 0.13 24.00 -14.21
N THR A 292 1.36 23.57 -14.42
CA THR A 292 1.77 23.00 -15.70
C THR A 292 2.11 21.53 -15.56
N LYS A 293 1.44 20.69 -16.34
CA LYS A 293 1.67 19.25 -16.31
C LYS A 293 2.66 18.80 -17.39
N GLN A 294 3.54 17.88 -17.03
CA GLN A 294 4.55 17.36 -17.96
C GLN A 294 4.66 15.84 -17.78
N ARG A 295 5.10 15.14 -18.81
CA ARG A 295 5.28 13.70 -18.71
C ARG A 295 6.76 13.36 -18.79
N ILE A 296 7.22 12.43 -17.98
CA ILE A 296 8.63 12.02 -18.01
C ILE A 296 8.69 10.87 -19.01
N GLN A 297 9.03 11.18 -20.26
CA GLN A 297 9.10 10.18 -21.33
C GLN A 297 9.69 8.85 -20.88
N ASP A 298 10.91 8.90 -20.37
CA ASP A 298 11.60 7.70 -19.89
C ASP A 298 10.79 6.86 -18.91
N GLN A 299 10.40 7.48 -17.80
CA GLN A 299 9.69 6.79 -16.74
C GLN A 299 8.19 6.58 -16.93
N LYS A 300 7.65 7.10 -18.02
CA LYS A 300 6.23 6.94 -18.34
C LYS A 300 5.25 7.49 -17.31
N VAL A 301 5.67 8.47 -16.52
CA VAL A 301 4.79 9.06 -15.51
C VAL A 301 4.78 10.59 -15.62
N PRO A 302 3.76 11.24 -15.05
CA PRO A 302 3.68 12.70 -15.11
C PRO A 302 4.03 13.42 -13.83
N TYR A 303 4.27 14.72 -13.96
CA TYR A 303 4.54 15.58 -12.81
C TYR A 303 3.91 16.92 -13.16
N ILE A 304 3.62 17.72 -12.15
CA ILE A 304 3.02 19.03 -12.38
C ILE A 304 3.66 20.02 -11.43
N PHE A 305 3.78 21.26 -11.87
CA PHE A 305 4.39 22.29 -11.05
C PHE A 305 3.69 23.63 -11.19
N ARG A 306 3.93 24.50 -10.22
CA ARG A 306 3.38 25.85 -10.21
C ARG A 306 4.27 26.65 -9.29
N ASP A 307 4.91 27.67 -9.84
CA ASP A 307 5.82 28.51 -9.07
C ASP A 307 6.94 27.66 -8.49
N ASN A 308 7.03 27.57 -7.17
CA ASN A 308 8.07 26.79 -6.52
C ASN A 308 7.61 25.40 -6.05
N GLN A 309 6.42 24.99 -6.48
CA GLN A 309 5.88 23.70 -6.09
C GLN A 309 5.99 22.68 -7.22
N TRP A 310 6.38 21.46 -6.86
CA TRP A 310 6.57 20.40 -7.84
C TRP A 310 5.97 19.10 -7.29
N VAL A 311 5.19 18.40 -8.09
CA VAL A 311 4.56 17.17 -7.64
C VAL A 311 4.61 16.04 -8.68
N GLY A 312 5.17 14.91 -8.28
CA GLY A 312 5.24 13.75 -9.14
C GLY A 312 4.08 12.84 -8.75
N PHE A 313 3.20 12.53 -9.69
CA PHE A 313 2.05 11.70 -9.37
C PHE A 313 1.71 10.72 -10.49
N ASP A 314 0.60 10.00 -10.33
CA ASP A 314 0.14 9.03 -11.31
C ASP A 314 -1.26 9.40 -11.83
N ASP A 315 -1.45 9.32 -13.14
CA ASP A 315 -2.75 9.63 -13.72
C ASP A 315 -3.32 8.41 -14.43
N VAL A 316 -4.48 8.58 -15.07
CA VAL A 316 -5.10 7.48 -15.78
C VAL A 316 -4.13 6.86 -16.79
N GLU A 317 -3.35 7.70 -17.45
CA GLU A 317 -2.40 7.21 -18.44
C GLU A 317 -1.31 6.32 -17.88
N SER A 318 -0.67 6.73 -16.79
CA SER A 318 0.39 5.92 -16.20
C SER A 318 -0.18 4.63 -15.63
N PHE A 319 -1.36 4.69 -15.04
CA PHE A 319 -1.98 3.50 -14.48
C PHE A 319 -2.26 2.49 -15.61
N LYS A 320 -2.72 2.97 -16.76
CA LYS A 320 -2.97 2.09 -17.89
C LYS A 320 -1.66 1.47 -18.36
N THR A 321 -0.60 2.28 -18.36
CA THR A 321 0.71 1.83 -18.79
C THR A 321 1.29 0.79 -17.82
N LYS A 322 1.06 1.00 -16.53
CA LYS A 322 1.58 0.07 -15.54
C LYS A 322 0.80 -1.25 -15.54
N VAL A 323 -0.47 -1.19 -15.95
CA VAL A 323 -1.27 -2.40 -16.01
C VAL A 323 -0.83 -3.23 -17.21
N SER A 324 -0.50 -2.54 -18.30
CA SER A 324 -0.04 -3.22 -19.50
C SER A 324 1.27 -3.93 -19.13
N TYR A 325 2.09 -3.22 -18.36
CA TYR A 325 3.38 -3.74 -17.91
C TYR A 325 3.23 -4.99 -17.03
N LEU A 326 2.34 -4.92 -16.04
CA LEU A 326 2.15 -6.06 -15.13
C LEU A 326 1.63 -7.30 -15.86
N LYS A 327 0.74 -7.10 -16.84
CA LYS A 327 0.21 -8.20 -17.62
C LYS A 327 1.33 -8.86 -18.41
N GLN A 328 2.15 -8.04 -19.05
CA GLN A 328 3.28 -8.56 -19.83
C GLN A 328 4.25 -9.35 -18.98
N LYS A 329 4.34 -9.00 -17.69
CA LYS A 329 5.24 -9.71 -16.78
C LYS A 329 4.51 -10.90 -16.17
N GLY A 330 3.23 -11.03 -16.48
CA GLY A 330 2.42 -12.11 -15.95
C GLY A 330 2.25 -12.08 -14.44
N LEU A 331 2.08 -10.88 -13.88
CA LEU A 331 1.92 -10.75 -12.44
C LEU A 331 0.48 -11.05 -12.01
N GLY A 332 0.30 -11.33 -10.72
CA GLY A 332 -1.02 -11.67 -10.19
C GLY A 332 -2.08 -10.59 -10.16
N GLY A 333 -1.69 -9.34 -10.42
CA GLY A 333 -2.67 -8.26 -10.41
C GLY A 333 -2.09 -6.95 -9.89
N ALA A 334 -2.98 -6.03 -9.51
CA ALA A 334 -2.55 -4.73 -9.00
C ALA A 334 -3.09 -4.45 -7.59
N MET A 335 -2.38 -3.59 -6.88
CA MET A 335 -2.75 -3.19 -5.52
C MET A 335 -2.77 -1.67 -5.54
N VAL A 336 -3.59 -1.04 -4.71
CA VAL A 336 -3.65 0.41 -4.72
C VAL A 336 -3.73 1.07 -3.34
N TRP A 337 -2.91 2.10 -3.16
CA TRP A 337 -2.91 2.88 -1.93
C TRP A 337 -3.15 4.32 -2.37
N ALA A 338 -4.30 4.90 -2.03
CA ALA A 338 -5.35 4.24 -1.25
C ALA A 338 -6.72 4.70 -1.76
N LEU A 339 -7.76 3.96 -1.41
CA LEU A 339 -9.12 4.27 -1.86
C LEU A 339 -9.50 5.73 -1.61
N ASP A 340 -9.18 6.24 -0.41
CA ASP A 340 -9.53 7.61 -0.06
C ASP A 340 -8.67 8.70 -0.71
N LEU A 341 -7.61 8.32 -1.42
CA LEU A 341 -6.74 9.30 -2.07
C LEU A 341 -7.10 9.50 -3.55
N ASP A 342 -7.87 8.57 -4.09
CA ASP A 342 -8.33 8.63 -5.47
C ASP A 342 -9.50 9.61 -5.37
N ASP A 343 -10.00 10.14 -6.49
CA ASP A 343 -11.14 11.05 -6.44
C ASP A 343 -12.38 10.17 -6.24
N PHE A 344 -12.44 9.50 -5.10
CA PHE A 344 -13.53 8.56 -4.77
C PHE A 344 -14.97 9.04 -4.92
N ALA A 345 -15.21 10.34 -4.76
CA ALA A 345 -16.55 10.88 -4.90
C ALA A 345 -16.69 11.60 -6.24
N GLY A 346 -15.65 11.54 -7.06
CA GLY A 346 -15.67 12.19 -8.35
C GLY A 346 -16.02 13.65 -8.32
N PHE A 347 -15.69 14.32 -7.23
CA PHE A 347 -16.00 15.74 -7.08
C PHE A 347 -14.88 16.69 -7.51
N SER A 348 -13.64 16.22 -7.47
CA SER A 348 -12.52 17.08 -7.83
C SER A 348 -11.96 17.01 -9.24
N CYS A 349 -11.96 15.82 -9.84
CA CYS A 349 -11.36 15.66 -11.15
C CYS A 349 -12.29 15.62 -12.37
N ASN A 350 -13.60 15.55 -12.14
CA ASN A 350 -14.53 15.49 -13.26
C ASN A 350 -14.21 14.33 -14.19
N GLN A 351 -13.89 13.18 -13.60
CA GLN A 351 -13.57 11.98 -14.37
C GLN A 351 -14.45 10.85 -13.84
N GLY A 352 -15.43 11.20 -13.02
CA GLY A 352 -16.31 10.22 -12.42
C GLY A 352 -15.75 9.74 -11.10
N ARG A 353 -16.40 8.74 -10.51
CA ARG A 353 -15.94 8.20 -9.23
C ARG A 353 -14.76 7.25 -9.41
N TYR A 354 -13.84 7.28 -8.46
CA TYR A 354 -12.65 6.43 -8.50
C TYR A 354 -12.04 6.37 -9.90
N PRO A 355 -11.61 7.51 -10.44
CA PRO A 355 -11.02 7.58 -11.78
C PRO A 355 -9.83 6.64 -11.97
N LEU A 356 -8.89 6.70 -11.03
CA LEU A 356 -7.69 5.87 -11.10
C LEU A 356 -7.93 4.38 -10.87
N ILE A 357 -8.65 4.05 -9.81
CA ILE A 357 -8.91 2.65 -9.49
C ILE A 357 -9.84 1.99 -10.49
N GLN A 358 -10.78 2.76 -11.03
CA GLN A 358 -11.71 2.24 -12.03
C GLN A 358 -10.89 1.87 -13.27
N THR A 359 -9.87 2.67 -13.55
CA THR A 359 -8.99 2.43 -14.70
C THR A 359 -8.30 1.08 -14.49
N LEU A 360 -7.77 0.86 -13.29
CA LEU A 360 -7.10 -0.39 -12.97
C LEU A 360 -8.05 -1.55 -13.21
N ARG A 361 -9.28 -1.43 -12.69
CA ARG A 361 -10.27 -2.48 -12.84
C ARG A 361 -10.59 -2.74 -14.32
N GLN A 362 -10.84 -1.67 -15.06
CA GLN A 362 -11.16 -1.79 -16.48
C GLN A 362 -10.01 -2.40 -17.27
N GLU A 363 -8.80 -1.91 -17.01
CA GLU A 363 -7.62 -2.43 -17.71
C GLU A 363 -7.32 -3.87 -17.33
N LEU A 364 -7.52 -4.21 -16.06
CA LEU A 364 -7.25 -5.57 -15.61
C LEU A 364 -8.27 -6.56 -16.17
N SER A 365 -9.47 -6.07 -16.47
CA SER A 365 -10.54 -6.92 -17.00
C SER A 365 -10.70 -6.80 -18.52
C1 EDO B . 0.90 0.42 1.60
O1 EDO B . 2.20 0.43 0.96
C2 EDO B . 0.71 -0.86 2.38
O2 EDO B . 1.14 -0.63 3.71
C1 EDO C . 2.21 5.49 1.61
O1 EDO C . 3.65 5.70 1.61
C2 EDO C . 1.88 4.02 1.54
O2 EDO C . 2.75 3.30 2.41
C1 EDO D . 10.36 1.47 0.21
O1 EDO D . 11.34 1.25 -0.85
C2 EDO D . 8.99 1.72 -0.38
O2 EDO D . 8.64 0.61 -1.21
C1 EDO E . 2.14 3.78 5.83
O1 EDO E . 0.75 4.15 5.97
C2 EDO E . 2.28 2.29 5.92
O2 EDO E . 2.14 1.71 4.64
C1 EDO F . -13.22 14.31 -2.74
O1 EDO F . -13.23 15.33 -3.77
C2 EDO F . -13.19 12.93 -3.35
O2 EDO F . -14.12 12.90 -4.43
#